data_6I4O
#
_entry.id   6I4O
#
_entity_poly.entity_id   1
_entity_poly.type   'polydeoxyribonucleotide'
_entity_poly.pdbx_seq_one_letter_code
;(DC)(DG)(DA)(DT)(DP)(DT)(DA)(DZ)(DA)(DT)(DC)(DG)
;
_entity_poly.pdbx_strand_id   A,B
#